data_2J8G
#
_entry.id   2J8G
#
_cell.length_a   79.520
_cell.length_b   97.390
_cell.length_c   127.140
_cell.angle_alpha   90.00
_cell.angle_beta   90.00
_cell.angle_gamma   90.00
#
_symmetry.space_group_name_H-M   'C 2 2 21'
#
loop_
_entity.id
_entity.type
_entity.pdbx_description
1 polymer LYSOZYME
2 branched '2-acetamido-2-deoxy-beta-D-glucopyranose-(1-4)-N-acetyl-beta-muramic acid-(1-4)-2-acetamido-2-deoxy-beta-D-glucopyranose'
3 non-polymer ALANINE
4 non-polymer 'D-GLUTAMIC ACID'
5 non-polymer LYSINE
6 non-polymer 'FORMIC ACID'
7 water water
#
_entity_poly.entity_id   1
_entity_poly.type   'polypeptide(L)'
_entity_poly.pdbx_seq_one_letter_code
;MVKKNDLFVDVSSHNGYDITGILEQMGTTNTIIKISESTTYLNPCLSAQVEQSNPIGFYHFARFGGDVAEAEREAQFFLD
NVPMQVKYLVLDYQDDPSGDAQANTNACLRFMQMIADAGYKPIYYSYKPFTHDNVDYQQILAQFPNSLWIAGYGLNDGTA
NFEYFPSMDGIRWWQYSSNPFDKNIVLLDDEEDDKPKTAGTWKQDSKGWWFRRNNGSFPYNKWEKIGGVWYYFDSKGYCL
TSEWLKDNEKWYYLKDNGAMATGWVLVGSEWYYMDDSGAMVTGWVKYKNNWYYMTNERGNMVSNEFIKSGKGWYFMNTNG
ELADNPSFTKEPDGLITVA
;
_entity_poly.pdbx_strand_id   A
#
# COMPACT_ATOMS: atom_id res chain seq x y z
N VAL A 2 2.96 2.92 5.88
CA VAL A 2 1.81 2.12 5.46
C VAL A 2 2.37 0.95 4.70
N LYS A 3 1.57 -0.10 4.62
CA LYS A 3 1.94 -1.32 3.95
C LYS A 3 0.96 -1.65 2.83
N LYS A 4 1.36 -2.59 1.97
CA LYS A 4 0.48 -3.15 0.92
C LYS A 4 -0.92 -3.37 1.49
N ASN A 5 -1.91 -2.94 0.72
CA ASN A 5 -3.32 -3.08 1.00
C ASN A 5 -3.91 -2.23 2.11
N ASP A 6 -3.10 -1.36 2.73
CA ASP A 6 -3.65 -0.33 3.62
C ASP A 6 -4.48 0.65 2.82
N LEU A 7 -5.37 1.34 3.51
CA LEU A 7 -6.26 2.31 2.88
C LEU A 7 -5.94 3.68 3.42
N PHE A 8 -6.25 4.68 2.63
CA PHE A 8 -6.17 6.05 3.06
C PHE A 8 -7.10 6.91 2.22
N VAL A 9 -7.52 8.06 2.76
CA VAL A 9 -8.37 8.98 2.02
C VAL A 9 -7.59 10.24 1.74
N ASP A 10 -7.91 10.92 0.67
CA ASP A 10 -7.34 12.29 0.45
C ASP A 10 -8.46 13.32 0.55
N VAL A 11 -8.13 14.49 1.09
CA VAL A 11 -9.10 15.54 1.27
C VAL A 11 -8.55 16.92 0.93
N SER A 12 -9.47 17.84 0.66
CA SER A 12 -9.20 19.25 0.36
C SER A 12 -10.31 20.07 0.97
N SER A 13 -10.38 21.35 0.61
CA SER A 13 -11.50 22.15 1.13
C SER A 13 -12.88 21.60 0.70
N HIS A 14 -12.91 20.87 -0.41
CA HIS A 14 -14.12 20.18 -0.88
C HIS A 14 -14.74 19.24 0.15
N ASN A 15 -13.95 18.82 1.14
CA ASN A 15 -14.42 17.94 2.21
C ASN A 15 -14.75 18.66 3.51
N GLY A 16 -14.50 19.96 3.58
CA GLY A 16 -14.93 20.74 4.73
C GLY A 16 -14.06 20.59 5.96
N TYR A 17 -14.55 21.15 7.06
CA TYR A 17 -13.82 21.25 8.32
C TYR A 17 -14.11 20.07 9.24
N ASP A 18 -14.98 19.16 8.82
CA ASP A 18 -15.19 17.97 9.59
C ASP A 18 -15.16 16.76 8.67
N ILE A 19 -14.14 15.95 8.82
CA ILE A 19 -13.92 14.75 7.99
C ILE A 19 -14.04 13.48 8.83
N THR A 20 -14.53 13.61 10.08
CA THR A 20 -14.62 12.42 10.96
C THR A 20 -15.56 11.38 10.39
N GLY A 21 -16.63 11.82 9.73
CA GLY A 21 -17.57 10.90 9.08
C GLY A 21 -16.96 10.07 7.96
N ILE A 22 -16.20 10.70 7.06
CA ILE A 22 -15.63 9.91 5.99
C ILE A 22 -14.54 8.97 6.51
N LEU A 23 -13.82 9.36 7.58
CA LEU A 23 -12.80 8.49 8.15
C LEU A 23 -13.44 7.25 8.80
N GLU A 24 -14.54 7.46 9.48
CA GLU A 24 -15.32 6.33 10.04
C GLU A 24 -15.86 5.38 8.97
N GLN A 25 -16.40 5.94 7.88
CA GLN A 25 -16.92 5.15 6.77
C GLN A 25 -15.81 4.33 6.16
N MET A 26 -14.61 4.92 6.02
CA MET A 26 -13.53 4.23 5.36
C MET A 26 -12.89 3.20 6.28
N GLY A 27 -12.95 3.43 7.60
CA GLY A 27 -12.32 2.54 8.56
C GLY A 27 -10.84 2.78 8.78
N THR A 28 -10.38 4.00 8.45
CA THR A 28 -9.00 4.40 8.68
C THR A 28 -8.93 5.90 8.96
N THR A 29 -7.89 6.30 9.68
CA THR A 29 -7.58 7.71 9.87
C THR A 29 -6.43 8.17 8.98
N ASN A 30 -5.87 7.29 8.14
CA ASN A 30 -4.78 7.65 7.23
C ASN A 30 -5.29 8.67 6.21
N THR A 31 -4.63 9.82 6.13
CA THR A 31 -4.98 10.84 5.15
C THR A 31 -3.81 11.43 4.38
N ILE A 32 -4.10 11.90 3.18
CA ILE A 32 -3.22 12.87 2.50
C ILE A 32 -4.07 14.10 2.26
N ILE A 33 -3.59 15.24 2.75
CA ILE A 33 -4.38 16.43 2.80
C ILE A 33 -3.77 17.51 1.89
N LYS A 34 -4.64 18.24 1.21
CA LYS A 34 -4.20 19.29 0.31
C LYS A 34 -3.68 20.44 1.17
N ILE A 35 -2.49 20.93 0.84
CA ILE A 35 -1.98 22.18 1.44
C ILE A 35 -2.23 23.38 0.54
N SER A 36 -1.77 23.27 -0.71
CA SER A 36 -1.59 24.42 -1.55
C SER A 36 -1.89 24.20 -3.01
N GLU A 37 -2.00 25.33 -3.70
CA GLU A 37 -2.28 25.36 -5.14
C GLU A 37 -1.61 26.63 -5.70
N SER A 38 -0.95 26.54 -6.85
CA SER A 38 -0.21 27.70 -7.38
C SER A 38 0.79 28.22 -6.34
N THR A 39 1.03 29.53 -6.27
CA THR A 39 1.96 30.07 -5.29
C THR A 39 1.25 30.92 -4.23
N THR A 40 -0.07 30.91 -4.27
CA THR A 40 -0.91 31.82 -3.47
C THR A 40 -2.09 31.26 -2.74
N TYR A 41 -2.52 30.03 -3.01
CA TYR A 41 -3.74 29.47 -2.43
C TYR A 41 -3.40 28.40 -1.39
N LEU A 42 -4.04 28.48 -0.21
CA LEU A 42 -3.92 27.47 0.87
C LEU A 42 -5.30 26.93 1.22
N ASN A 43 -5.42 25.61 1.28
CA ASN A 43 -6.60 24.93 1.80
C ASN A 43 -6.85 25.37 3.26
N PRO A 44 -7.93 26.12 3.51
CA PRO A 44 -8.19 26.62 4.86
C PRO A 44 -8.61 25.53 5.86
N CYS A 45 -9.01 24.35 5.38
CA CYS A 45 -9.41 23.25 6.26
C CYS A 45 -8.21 22.43 6.77
N LEU A 46 -7.01 22.76 6.31
CA LEU A 46 -5.80 21.97 6.59
C LEU A 46 -5.66 21.67 8.08
N SER A 47 -5.75 22.70 8.95
CA SER A 47 -5.49 22.47 10.39
C SER A 47 -6.51 21.49 11.00
N ALA A 48 -7.79 21.70 10.67
CA ALA A 48 -8.88 20.89 11.16
C ALA A 48 -8.75 19.48 10.67
N GLN A 49 -8.43 19.33 9.38
CA GLN A 49 -8.25 17.99 8.80
C GLN A 49 -7.06 17.23 9.38
N VAL A 50 -5.98 17.94 9.69
CA VAL A 50 -4.82 17.35 10.35
C VAL A 50 -5.20 16.89 11.77
N GLU A 51 -5.91 17.74 12.52
CA GLU A 51 -6.26 17.42 13.91
C GLU A 51 -7.15 16.16 13.97
N GLN A 52 -8.01 15.99 12.99
CA GLN A 52 -8.97 14.87 12.98
C GLN A 52 -8.41 13.55 12.46
N SER A 53 -7.17 13.54 11.99
CA SER A 53 -6.65 12.36 11.31
C SER A 53 -5.21 12.06 11.63
N ASN A 54 -4.67 11.10 10.87
CA ASN A 54 -3.27 10.68 10.91
C ASN A 54 -2.68 10.83 9.50
N PRO A 55 -2.18 12.02 9.17
CA PRO A 55 -1.58 12.26 7.86
C PRO A 55 -0.39 11.42 7.57
N ILE A 56 -0.35 10.82 6.40
CA ILE A 56 0.79 10.11 5.89
C ILE A 56 1.49 10.94 4.82
N GLY A 57 0.80 12.01 4.42
CA GLY A 57 1.37 12.93 3.43
C GLY A 57 0.50 14.15 3.18
N PHE A 58 1.02 15.07 2.36
CA PHE A 58 0.32 16.28 1.92
C PHE A 58 0.45 16.40 0.43
N TYR A 59 -0.49 17.12 -0.20
CA TYR A 59 -0.39 17.36 -1.64
C TYR A 59 -0.57 18.80 -2.08
N HIS A 60 -0.04 19.07 -3.25
CA HIS A 60 -0.03 20.37 -3.92
C HIS A 60 -0.67 20.25 -5.30
N PHE A 61 -1.65 21.10 -5.58
CA PHE A 61 -2.30 21.08 -6.90
C PHE A 61 -1.50 21.96 -7.84
N ALA A 62 -0.79 21.34 -8.78
CA ALA A 62 0.12 22.07 -9.69
C ALA A 62 -0.58 22.95 -10.72
N ARG A 63 -0.05 24.15 -10.91
CA ARG A 63 -0.56 25.06 -11.93
C ARG A 63 0.56 25.58 -12.83
N PHE A 64 1.75 25.00 -12.72
CA PHE A 64 2.93 25.54 -13.39
C PHE A 64 3.11 25.10 -14.84
N GLY A 65 2.35 24.12 -15.29
CA GLY A 65 2.36 23.68 -16.67
C GLY A 65 3.73 23.13 -17.04
N GLY A 66 4.40 23.81 -17.97
CA GLY A 66 5.74 23.42 -18.37
C GLY A 66 6.83 24.42 -17.99
N ASP A 67 6.56 25.30 -17.04
CA ASP A 67 7.47 26.35 -16.63
C ASP A 67 8.28 25.91 -15.42
N VAL A 68 9.54 25.57 -15.63
CA VAL A 68 10.40 25.06 -14.58
C VAL A 68 10.60 26.07 -13.47
N ALA A 69 10.76 27.34 -13.84
CA ALA A 69 10.94 28.34 -12.80
C ALA A 69 9.65 28.51 -11.96
N GLU A 70 8.49 28.39 -12.58
CA GLU A 70 7.21 28.48 -11.85
C GLU A 70 7.06 27.27 -10.93
N ALA A 71 7.52 26.12 -11.42
CA ALA A 71 7.48 24.86 -10.66
C ALA A 71 8.29 24.98 -9.37
N GLU A 72 9.43 25.67 -9.43
CA GLU A 72 10.28 25.86 -8.28
C GLU A 72 9.60 26.72 -7.24
N ARG A 73 8.96 27.78 -7.70
CA ARG A 73 8.23 28.65 -6.83
C ARG A 73 7.04 27.97 -6.13
N GLU A 74 6.27 27.24 -6.91
CA GLU A 74 5.15 26.42 -6.34
C GLU A 74 5.66 25.44 -5.28
N ALA A 75 6.74 24.72 -5.58
CA ALA A 75 7.32 23.77 -4.64
C ALA A 75 7.77 24.41 -3.34
N GLN A 76 8.34 25.61 -3.44
CA GLN A 76 8.79 26.28 -2.22
C GLN A 76 7.62 26.75 -1.37
N PHE A 77 6.55 27.26 -2.00
CA PHE A 77 5.34 27.68 -1.32
C PHE A 77 4.72 26.48 -0.58
N PHE A 78 4.63 25.36 -1.28
CA PHE A 78 4.17 24.08 -0.71
C PHE A 78 5.01 23.72 0.53
N LEU A 79 6.32 23.59 0.34
CA LEU A 79 7.24 23.25 1.41
C LEU A 79 7.14 24.18 2.60
N ASP A 80 6.98 25.46 2.31
CA ASP A 80 6.91 26.46 3.37
C ASP A 80 5.66 26.34 4.24
N ASN A 81 4.65 25.59 3.76
CA ASN A 81 3.41 25.42 4.45
C ASN A 81 3.10 23.98 4.95
N VAL A 82 4.07 23.09 4.85
CA VAL A 82 3.94 21.75 5.47
C VAL A 82 3.89 21.94 6.98
N PRO A 83 2.83 21.50 7.65
CA PRO A 83 2.64 21.77 9.08
C PRO A 83 3.24 20.70 10.03
N MET A 84 3.63 19.54 9.51
CA MET A 84 4.15 18.48 10.39
C MET A 84 4.95 17.50 9.56
N GLN A 85 5.81 16.74 10.21
CA GLN A 85 6.68 15.81 9.50
C GLN A 85 5.84 14.65 9.02
N VAL A 86 5.96 14.35 7.73
CA VAL A 86 5.33 13.18 7.13
C VAL A 86 6.38 12.65 6.16
N LYS A 87 6.24 11.41 5.74
CA LYS A 87 7.18 10.82 4.82
C LYS A 87 7.05 11.34 3.38
N TYR A 88 5.83 11.60 2.96
CA TYR A 88 5.50 11.89 1.55
C TYR A 88 4.93 13.27 1.28
N LEU A 89 5.39 13.90 0.19
CA LEU A 89 4.76 15.12 -0.33
C LEU A 89 4.43 14.88 -1.82
N VAL A 90 3.20 15.21 -2.20
CA VAL A 90 2.64 14.82 -3.48
C VAL A 90 2.48 16.01 -4.41
N LEU A 91 2.91 15.78 -5.64
CA LEU A 91 2.68 16.68 -6.76
C LEU A 91 1.45 16.19 -7.52
N ASP A 92 0.36 16.93 -7.41
CA ASP A 92 -0.90 16.62 -8.10
C ASP A 92 -0.92 17.38 -9.41
N TYR A 93 -0.62 16.67 -10.51
CA TYR A 93 -0.40 17.23 -11.84
C TYR A 93 -1.50 16.67 -12.77
N GLN A 94 -2.58 17.40 -12.91
CA GLN A 94 -3.75 16.89 -13.63
C GLN A 94 -4.46 17.98 -14.43
N ASP A 95 -3.85 19.15 -14.55
CA ASP A 95 -4.48 20.23 -15.29
C ASP A 95 -3.44 21.23 -15.76
N ASP A 96 -3.87 22.06 -16.69
CA ASP A 96 -3.05 23.14 -17.23
C ASP A 96 -1.67 22.69 -17.73
N PRO A 97 -1.58 21.61 -18.48
CA PRO A 97 -0.29 21.20 -19.07
C PRO A 97 0.08 22.15 -20.22
N SER A 98 1.37 22.37 -20.44
CA SER A 98 1.81 23.06 -21.66
C SER A 98 1.71 22.09 -22.84
N GLY A 99 1.83 22.62 -24.06
CA GLY A 99 1.79 21.78 -25.25
C GLY A 99 3.06 20.98 -25.49
N ASP A 100 4.11 21.26 -24.71
CA ASP A 100 5.42 20.60 -24.81
C ASP A 100 5.57 19.58 -23.67
N ALA A 101 5.42 18.30 -24.00
CA ALA A 101 5.48 17.25 -22.96
C ALA A 101 6.82 17.17 -22.26
N GLN A 102 7.90 17.51 -22.94
CA GLN A 102 9.20 17.50 -22.28
C GLN A 102 9.35 18.62 -21.26
N ALA A 103 8.86 19.80 -21.62
CA ALA A 103 8.83 20.91 -20.69
C ALA A 103 8.00 20.54 -19.45
N ASN A 104 6.85 19.88 -19.66
CA ASN A 104 5.98 19.52 -18.52
C ASN A 104 6.75 18.52 -17.64
N THR A 105 7.42 17.56 -18.27
CA THR A 105 8.19 16.56 -17.54
C THR A 105 9.29 17.18 -16.71
N ASN A 106 10.02 18.12 -17.32
CA ASN A 106 11.12 18.82 -16.66
C ASN A 106 10.63 19.64 -15.46
N ALA A 107 9.50 20.29 -15.61
CA ALA A 107 8.91 21.04 -14.50
C ALA A 107 8.54 20.12 -13.34
N CYS A 108 7.93 18.99 -13.66
CA CYS A 108 7.54 18.03 -12.62
C CYS A 108 8.79 17.49 -11.93
N LEU A 109 9.86 17.22 -12.70
CA LEU A 109 11.07 16.70 -12.10
C LEU A 109 11.71 17.71 -11.16
N ARG A 110 11.64 18.99 -11.52
CA ARG A 110 12.23 20.05 -10.73
C ARG A 110 11.46 20.16 -9.40
N PHE A 111 10.14 20.09 -9.49
CA PHE A 111 9.27 20.13 -8.31
C PHE A 111 9.60 18.96 -7.38
N MET A 112 9.64 17.76 -7.94
CA MET A 112 9.90 16.56 -7.16
C MET A 112 11.32 16.56 -6.53
N GLN A 113 12.27 17.09 -7.25
CA GLN A 113 13.64 17.20 -6.75
C GLN A 113 13.74 18.13 -5.57
N MET A 114 13.02 19.24 -5.61
CA MET A 114 12.94 20.14 -4.49
C MET A 114 12.36 19.47 -3.24
N ILE A 115 11.37 18.62 -3.46
CA ILE A 115 10.77 17.87 -2.35
C ILE A 115 11.81 16.95 -1.74
N ALA A 116 12.49 16.18 -2.60
CA ALA A 116 13.53 15.27 -2.17
C ALA A 116 14.67 15.97 -1.44
N ASP A 117 15.12 17.11 -1.97
CA ASP A 117 16.18 17.90 -1.34
C ASP A 117 15.79 18.39 0.05
N ALA A 118 14.49 18.61 0.27
CA ALA A 118 13.96 19.06 1.55
C ALA A 118 13.80 17.90 2.55
N GLY A 119 14.10 16.68 2.14
CA GLY A 119 14.08 15.53 3.03
C GLY A 119 12.81 14.67 3.05
N TYR A 120 11.95 14.82 2.06
CA TYR A 120 10.72 14.00 1.93
C TYR A 120 10.80 13.11 0.72
N LYS A 121 9.88 12.13 0.61
CA LYS A 121 9.75 11.29 -0.58
C LYS A 121 8.75 11.92 -1.52
N PRO A 122 9.16 12.28 -2.74
CA PRO A 122 8.23 12.86 -3.70
C PRO A 122 7.35 11.81 -4.36
N ILE A 123 6.12 12.21 -4.65
CA ILE A 123 5.11 11.37 -5.32
C ILE A 123 4.48 12.18 -6.48
N TYR A 124 4.29 11.54 -7.62
CA TYR A 124 3.58 12.14 -8.77
C TYR A 124 2.21 11.52 -8.83
N TYR A 125 1.19 12.37 -8.72
CA TYR A 125 -0.22 11.91 -8.77
C TYR A 125 -0.83 12.45 -10.05
N SER A 126 -1.62 11.63 -10.73
CA SER A 126 -2.36 11.98 -11.93
C SER A 126 -3.27 10.81 -12.35
N TYR A 127 -3.87 10.93 -13.53
CA TYR A 127 -4.58 9.80 -14.14
C TYR A 127 -3.82 9.41 -15.43
N LYS A 128 -4.07 8.20 -15.91
CA LYS A 128 -3.28 7.58 -16.97
C LYS A 128 -3.28 8.30 -18.33
N PRO A 129 -4.42 8.56 -18.95
CA PRO A 129 -4.41 9.32 -20.21
C PRO A 129 -3.81 10.72 -20.13
N PHE A 130 -3.99 11.42 -19.03
CA PHE A 130 -3.37 12.73 -18.88
C PHE A 130 -1.84 12.61 -18.89
N THR A 131 -1.33 11.62 -18.17
CA THR A 131 0.10 11.43 -18.04
C THR A 131 0.66 11.03 -19.40
N HIS A 132 -0.04 10.13 -20.07
CA HIS A 132 0.42 9.64 -21.39
C HIS A 132 0.51 10.76 -22.39
N ASP A 133 -0.48 11.65 -22.41
CA ASP A 133 -0.48 12.76 -23.35
C ASP A 133 0.46 13.93 -22.98
N ASN A 134 0.79 14.10 -21.69
CA ASN A 134 1.38 15.36 -21.22
C ASN A 134 2.76 15.32 -20.60
N VAL A 135 3.20 14.16 -20.17
CA VAL A 135 4.55 14.02 -19.64
C VAL A 135 5.16 12.74 -20.19
N ASP A 136 6.44 12.52 -19.88
CA ASP A 136 7.08 11.23 -20.10
C ASP A 136 7.29 10.63 -18.71
N TYR A 137 6.37 9.73 -18.31
CA TYR A 137 6.43 9.22 -16.95
C TYR A 137 7.62 8.32 -16.69
N GLN A 138 8.17 7.72 -17.75
CA GLN A 138 9.37 6.92 -17.59
C GLN A 138 10.54 7.78 -17.14
N GLN A 139 10.57 9.05 -17.56
CA GLN A 139 11.61 9.98 -17.08
C GLN A 139 11.42 10.32 -15.61
N ILE A 140 10.15 10.38 -15.19
CA ILE A 140 9.87 10.62 -13.76
C ILE A 140 10.32 9.43 -12.91
N LEU A 141 9.97 8.22 -13.35
CA LEU A 141 10.41 7.04 -12.64
C LEU A 141 11.93 6.82 -12.71
N ALA A 142 12.58 7.25 -13.78
CA ALA A 142 14.03 7.07 -13.86
C ALA A 142 14.76 7.90 -12.82
N GLN A 143 14.15 9.01 -12.40
CA GLN A 143 14.77 9.84 -11.38
C GLN A 143 14.22 9.49 -9.98
N PHE A 144 12.95 9.08 -9.92
CA PHE A 144 12.23 8.78 -8.68
C PHE A 144 11.46 7.45 -8.78
N PRO A 145 12.13 6.32 -8.51
CA PRO A 145 11.49 5.00 -8.63
C PRO A 145 10.21 4.82 -7.80
N ASN A 146 9.26 4.06 -8.34
CA ASN A 146 8.03 3.72 -7.62
C ASN A 146 7.41 4.91 -6.91
N SER A 147 7.29 6.01 -7.64
CA SER A 147 6.78 7.24 -7.07
C SER A 147 5.37 7.62 -7.53
N LEU A 148 4.65 6.71 -8.20
CA LEU A 148 3.36 7.14 -8.77
C LEU A 148 2.14 6.83 -7.90
N TRP A 149 1.21 7.76 -7.92
CA TRP A 149 -0.08 7.61 -7.28
C TRP A 149 -1.06 7.87 -8.41
N ILE A 150 -1.77 6.83 -8.87
CA ILE A 150 -2.57 6.92 -10.10
C ILE A 150 -4.06 6.70 -9.80
N ALA A 151 -4.88 7.56 -10.40
CA ALA A 151 -6.33 7.50 -10.25
C ALA A 151 -6.92 6.70 -11.41
N GLY A 152 -7.84 5.79 -11.08
CA GLY A 152 -8.62 5.03 -12.07
C GLY A 152 -9.79 4.39 -11.35
N TYR A 153 -10.99 4.93 -11.59
CA TYR A 153 -12.15 4.66 -10.76
C TYR A 153 -13.06 3.58 -11.33
N GLY A 154 -12.88 3.21 -12.60
CA GLY A 154 -13.78 2.25 -13.23
C GLY A 154 -15.17 2.82 -13.37
N LEU A 155 -16.16 2.10 -12.84
CA LEU A 155 -17.54 2.55 -12.81
C LEU A 155 -17.79 3.52 -11.65
N ASN A 156 -16.78 3.70 -10.79
CA ASN A 156 -16.84 4.67 -9.69
C ASN A 156 -17.97 4.46 -8.74
N ASP A 157 -18.16 3.21 -8.30
CA ASP A 157 -19.25 2.86 -7.40
C ASP A 157 -18.83 2.81 -5.95
N GLY A 158 -17.56 3.16 -5.69
CA GLY A 158 -17.07 3.32 -4.33
C GLY A 158 -16.26 2.17 -3.82
N THR A 159 -16.11 1.11 -4.62
CA THR A 159 -15.28 -0.03 -4.27
C THR A 159 -14.14 -0.13 -5.27
N ALA A 160 -13.09 -0.85 -4.89
CA ALA A 160 -11.94 -1.04 -5.74
C ALA A 160 -12.25 -2.20 -6.64
N ASN A 161 -12.24 -1.95 -7.95
CA ASN A 161 -12.52 -2.92 -8.97
C ASN A 161 -11.29 -3.13 -9.83
N PHE A 162 -10.61 -4.24 -9.58
CA PHE A 162 -9.29 -4.49 -10.18
C PHE A 162 -9.31 -4.59 -11.70
N GLU A 163 -10.49 -4.88 -12.29
CA GLU A 163 -10.59 -4.92 -13.75
C GLU A 163 -10.23 -3.56 -14.38
N TYR A 164 -10.48 -2.48 -13.62
CA TYR A 164 -10.10 -1.12 -14.04
C TYR A 164 -8.81 -0.58 -13.43
N PHE A 165 -7.94 -1.49 -12.95
CA PHE A 165 -6.65 -1.08 -12.39
C PHE A 165 -5.77 -0.39 -13.45
N PRO A 166 -5.33 0.84 -13.24
CA PRO A 166 -4.45 1.46 -14.25
C PRO A 166 -3.18 0.63 -14.49
N SER A 167 -2.90 0.39 -15.72
CA SER A 167 -1.71 -0.37 -16.03
C SER A 167 -0.60 0.61 -16.31
N MET A 168 0.21 0.84 -15.29
CA MET A 168 1.43 1.62 -15.44
C MET A 168 2.52 1.03 -14.59
N ASP A 169 3.78 1.22 -14.98
CA ASP A 169 4.89 0.83 -14.10
C ASP A 169 4.98 1.80 -12.91
N GLY A 170 5.61 1.36 -11.83
CA GLY A 170 6.00 2.24 -10.74
C GLY A 170 4.89 2.74 -9.81
N ILE A 171 3.72 2.12 -9.88
CA ILE A 171 2.60 2.57 -9.05
C ILE A 171 2.76 2.17 -7.61
N ARG A 172 2.84 3.19 -6.74
CA ARG A 172 2.83 2.99 -5.31
C ARG A 172 1.43 2.96 -4.67
N TRP A 173 0.54 3.85 -5.11
CA TRP A 173 -0.80 3.95 -4.54
C TRP A 173 -1.80 4.06 -5.70
N TRP A 174 -3.04 3.65 -5.44
CA TRP A 174 -4.10 3.66 -6.42
C TRP A 174 -5.33 4.34 -5.83
N GLN A 175 -5.71 5.46 -6.43
CA GLN A 175 -6.98 6.12 -6.07
C GLN A 175 -8.11 5.46 -6.88
N TYR A 176 -8.83 4.57 -6.22
CA TYR A 176 -9.77 3.69 -6.88
C TYR A 176 -11.21 4.15 -6.97
N SER A 177 -11.53 5.23 -6.27
CA SER A 177 -12.86 5.85 -6.37
C SER A 177 -12.87 7.25 -5.79
N SER A 178 -13.82 8.05 -6.28
CA SER A 178 -14.11 9.36 -5.72
C SER A 178 -15.52 9.40 -5.12
N ASN A 179 -16.17 8.25 -5.04
CA ASN A 179 -17.58 8.16 -4.65
C ASN A 179 -17.76 7.56 -3.28
N PRO A 180 -18.21 8.32 -2.27
CA PRO A 180 -18.52 9.76 -2.34
C PRO A 180 -17.36 10.71 -1.96
N PHE A 181 -16.22 10.15 -1.60
CA PHE A 181 -14.98 10.90 -1.30
C PHE A 181 -13.83 10.08 -1.93
N ASP A 182 -12.64 10.67 -1.98
CA ASP A 182 -11.48 10.03 -2.58
C ASP A 182 -10.89 8.87 -1.73
N LYS A 183 -10.85 7.68 -2.34
CA LYS A 183 -10.45 6.42 -1.70
C LYS A 183 -9.21 5.84 -2.34
N ASN A 184 -8.27 5.39 -1.49
CA ASN A 184 -6.99 4.90 -1.96
C ASN A 184 -6.57 3.59 -1.32
N ILE A 185 -5.83 2.79 -2.08
CA ILE A 185 -5.24 1.58 -1.59
C ILE A 185 -3.76 1.51 -1.95
N VAL A 186 -2.98 0.97 -1.04
CA VAL A 186 -1.55 0.93 -1.14
C VAL A 186 -1.04 -0.33 -1.86
N LEU A 187 -0.24 -0.14 -2.90
CA LEU A 187 0.32 -1.22 -3.70
C LEU A 187 1.74 -1.66 -3.26
N LEU A 188 2.49 -0.74 -2.63
CA LEU A 188 3.87 -1.04 -2.18
C LEU A 188 4.07 -0.61 -0.75
N ASP A 189 4.77 -1.43 0.04
CA ASP A 189 5.16 -1.02 1.39
C ASP A 189 6.06 0.23 1.28
N ASP A 190 6.05 1.04 2.31
CA ASP A 190 6.95 2.19 2.41
C ASP A 190 8.38 1.64 2.35
N GLU A 191 9.26 2.33 1.65
CA GLU A 191 10.69 2.01 1.67
C GLU A 191 11.18 2.12 3.10
N GLU A 192 12.05 1.20 3.46
CA GLU A 192 12.67 1.16 4.77
C GLU A 192 14.13 1.53 4.59
N ASP A 193 14.48 2.78 4.95
CA ASP A 193 15.86 3.28 4.80
C ASP A 193 16.68 3.08 6.10
N ASP A 194 16.08 2.40 7.09
CA ASP A 194 16.78 2.00 8.32
C ASP A 194 17.27 0.57 8.17
N LYS A 195 18.56 0.40 7.90
CA LYS A 195 19.14 -0.95 7.84
C LYS A 195 19.06 -1.57 9.24
N PRO A 196 18.26 -2.63 9.40
CA PRO A 196 18.18 -3.26 10.73
C PRO A 196 19.50 -3.93 11.09
N LYS A 197 19.77 -4.06 12.39
CA LYS A 197 20.98 -4.70 12.87
C LYS A 197 20.59 -6.12 13.34
N THR A 198 21.47 -7.09 13.05
CA THR A 198 21.33 -8.46 13.57
C THR A 198 22.25 -8.59 14.79
N ALA A 199 21.67 -8.49 15.98
CA ALA A 199 22.39 -8.51 17.27
C ALA A 199 22.82 -9.92 17.69
N GLY A 200 23.65 -10.54 16.88
CA GLY A 200 24.10 -11.90 17.09
C GLY A 200 24.36 -12.57 15.76
N THR A 201 24.49 -13.88 15.79
CA THR A 201 24.86 -14.62 14.61
C THR A 201 23.97 -15.84 14.49
N TRP A 202 23.41 -16.05 13.30
CA TRP A 202 22.68 -17.28 13.00
C TRP A 202 23.63 -18.48 12.86
N LYS A 203 23.26 -19.60 13.47
CA LYS A 203 24.05 -20.82 13.43
C LYS A 203 23.14 -21.93 12.90
N GLN A 204 23.66 -22.75 12.02
CA GLN A 204 22.91 -23.89 11.51
C GLN A 204 23.53 -25.19 12.02
N ASP A 205 22.74 -26.03 12.67
CA ASP A 205 23.27 -27.32 13.07
C ASP A 205 22.47 -28.42 12.39
N SER A 206 22.64 -29.64 12.85
CA SER A 206 22.01 -30.82 12.26
C SER A 206 20.50 -30.74 12.32
N LYS A 207 19.97 -30.09 13.35
CA LYS A 207 18.54 -29.99 13.60
C LYS A 207 17.87 -28.81 12.92
N GLY A 208 18.52 -27.65 12.89
CA GLY A 208 17.98 -26.48 12.21
C GLY A 208 18.79 -25.23 12.49
N TRP A 209 18.15 -24.07 12.40
CA TRP A 209 18.80 -22.79 12.67
C TRP A 209 18.44 -22.26 14.03
N TRP A 210 19.45 -21.82 14.77
CA TRP A 210 19.30 -21.14 16.06
C TRP A 210 20.08 -19.81 16.00
N PHE A 211 19.78 -18.92 16.90
CA PHE A 211 20.36 -17.57 16.91
C PHE A 211 21.18 -17.35 18.20
N ARG A 212 22.49 -17.23 18.03
CA ARG A 212 23.36 -16.95 19.14
C ARG A 212 23.40 -15.45 19.29
N ARG A 213 22.74 -14.94 20.33
CA ARG A 213 22.73 -13.51 20.63
C ARG A 213 24.15 -13.07 20.95
N ASN A 214 24.38 -11.77 20.95
CA ASN A 214 25.69 -11.28 21.31
C ASN A 214 26.17 -11.74 22.67
N ASN A 215 25.26 -11.88 23.64
CA ASN A 215 25.61 -12.30 24.98
C ASN A 215 25.75 -13.83 25.14
N GLY A 216 25.71 -14.54 24.02
CA GLY A 216 25.90 -15.99 23.98
C GLY A 216 24.64 -16.80 24.23
N SER A 217 23.58 -16.16 24.68
CA SER A 217 22.28 -16.87 24.86
C SER A 217 21.57 -17.00 23.51
N PHE A 218 20.42 -17.67 23.50
CA PHE A 218 19.64 -17.89 22.32
C PHE A 218 18.12 -17.92 22.66
N PRO A 219 17.29 -17.43 21.75
CA PRO A 219 15.86 -17.42 22.00
C PRO A 219 15.30 -18.87 21.92
N TYR A 220 14.39 -19.19 22.84
CA TYR A 220 13.61 -20.44 22.85
C TYR A 220 12.20 -20.16 23.43
N ASN A 221 11.21 -20.93 22.99
CA ASN A 221 9.81 -20.75 23.41
C ASN A 221 9.32 -19.31 23.28
N LYS A 222 9.65 -18.66 22.16
CA LYS A 222 9.32 -17.26 22.02
C LYS A 222 9.43 -16.74 20.61
N TRP A 223 8.72 -15.64 20.38
CA TRP A 223 8.93 -14.78 19.23
C TRP A 223 10.13 -13.87 19.53
N GLU A 224 10.93 -13.64 18.54
CA GLU A 224 12.02 -12.68 18.61
C GLU A 224 12.23 -12.00 17.28
N LYS A 225 12.37 -10.67 17.28
CA LYS A 225 12.62 -9.93 16.05
C LYS A 225 14.11 -9.77 15.87
N ILE A 226 14.61 -10.17 14.71
CA ILE A 226 16.01 -10.27 14.37
C ILE A 226 16.22 -9.69 12.97
N GLY A 227 17.07 -8.66 12.88
CA GLY A 227 17.29 -7.95 11.64
C GLY A 227 16.03 -7.47 10.97
N GLY A 228 15.08 -7.00 11.76
CA GLY A 228 13.85 -6.44 11.25
C GLY A 228 12.71 -7.42 11.03
N VAL A 229 12.95 -8.71 11.31
CA VAL A 229 12.02 -9.77 10.91
C VAL A 229 11.65 -10.58 12.12
N TRP A 230 10.39 -10.98 12.22
CA TRP A 230 9.95 -11.81 13.34
C TRP A 230 10.17 -13.27 13.00
N TYR A 231 10.70 -13.99 13.99
CA TYR A 231 10.85 -15.43 13.96
C TYR A 231 10.22 -16.03 15.21
N TYR A 232 9.82 -17.30 15.14
CA TYR A 232 9.42 -18.01 16.34
C TYR A 232 10.34 -19.20 16.62
N PHE A 233 10.84 -19.29 17.86
CA PHE A 233 11.78 -20.32 18.24
C PHE A 233 11.11 -21.32 19.16
N ASP A 234 11.27 -22.60 18.85
CA ASP A 234 10.68 -23.66 19.65
C ASP A 234 11.45 -23.90 20.95
N SER A 235 11.02 -24.90 21.73
CA SER A 235 11.51 -25.12 23.07
C SER A 235 13.01 -25.45 23.13
N LYS A 236 13.57 -25.91 22.01
CA LYS A 236 14.97 -26.28 21.91
C LYS A 236 15.84 -25.17 21.28
N GLY A 237 15.23 -24.02 20.98
CA GLY A 237 15.90 -22.89 20.34
C GLY A 237 15.99 -22.84 18.82
N TYR A 238 15.18 -23.65 18.12
CA TYR A 238 15.23 -23.68 16.65
C TYR A 238 14.06 -22.90 16.06
N CYS A 239 14.33 -22.07 15.07
CA CYS A 239 13.24 -21.26 14.50
C CYS A 239 12.38 -22.19 13.65
N LEU A 240 11.07 -21.96 13.68
CA LEU A 240 10.16 -22.78 12.93
C LEU A 240 10.29 -22.35 11.48
N THR A 241 10.16 -23.32 10.59
CA THR A 241 10.13 -23.06 9.16
C THR A 241 9.00 -23.88 8.54
N SER A 242 8.27 -23.23 7.63
CA SER A 242 7.14 -23.84 6.94
C SER A 242 6.18 -24.47 7.90
N GLU A 243 5.76 -23.71 8.90
CA GLU A 243 4.89 -24.25 9.91
C GLU A 243 3.84 -23.23 10.41
N TRP A 244 2.62 -23.72 10.60
CA TRP A 244 1.55 -22.99 11.26
C TRP A 244 1.81 -22.95 12.75
N LEU A 245 1.48 -21.84 13.38
CA LEU A 245 1.62 -21.67 14.81
C LEU A 245 0.41 -20.91 15.34
N LYS A 246 -0.22 -21.46 16.37
CA LYS A 246 -1.29 -20.79 17.05
C LYS A 246 -0.74 -20.15 18.34
N ASP A 247 -0.94 -18.85 18.46
CA ASP A 247 -0.45 -18.06 19.57
C ASP A 247 -1.57 -17.11 19.98
N ASN A 248 -2.03 -17.21 21.23
CA ASN A 248 -3.10 -16.34 21.76
C ASN A 248 -4.36 -16.35 20.88
N GLU A 249 -4.84 -17.54 20.53
CA GLU A 249 -6.05 -17.69 19.75
C GLU A 249 -5.95 -17.19 18.29
N LYS A 250 -4.76 -16.77 17.83
CA LYS A 250 -4.56 -16.36 16.43
C LYS A 250 -3.56 -17.33 15.76
N TRP A 251 -3.67 -17.45 14.45
CA TRP A 251 -2.82 -18.34 13.65
C TRP A 251 -1.78 -17.57 12.85
N TYR A 252 -0.54 -18.03 12.93
CA TYR A 252 0.60 -17.42 12.24
C TYR A 252 1.21 -18.48 11.37
N TYR A 253 1.91 -18.09 10.31
CA TYR A 253 2.62 -19.01 9.45
C TYR A 253 4.09 -18.58 9.33
N LEU A 254 5.00 -19.45 9.77
CA LEU A 254 6.41 -19.19 9.61
C LEU A 254 6.87 -19.76 8.29
N LYS A 255 7.42 -18.91 7.42
CA LYS A 255 7.79 -19.26 6.05
C LYS A 255 9.04 -20.14 5.98
N ASP A 256 9.39 -20.58 4.77
CA ASP A 256 10.54 -21.47 4.57
C ASP A 256 11.86 -20.84 5.03
N ASN A 257 11.96 -19.51 5.04
CA ASN A 257 13.13 -18.84 5.57
C ASN A 257 12.99 -18.45 7.05
N GLY A 258 11.97 -18.98 7.73
CA GLY A 258 11.70 -18.69 9.12
C GLY A 258 10.90 -17.42 9.41
N ALA A 259 10.81 -16.52 8.44
CA ALA A 259 10.19 -15.23 8.67
C ALA A 259 8.66 -15.37 8.80
N MET A 260 8.09 -14.65 9.74
CA MET A 260 6.66 -14.58 9.91
C MET A 260 6.03 -13.97 8.65
N ALA A 261 5.08 -14.68 8.07
CA ALA A 261 4.35 -14.18 6.92
C ALA A 261 3.38 -13.06 7.25
N THR A 262 3.41 -12.03 6.40
CA THR A 262 2.44 -10.95 6.42
C THR A 262 1.95 -10.83 4.99
N GLY A 263 0.67 -10.58 4.87
CA GLY A 263 0.07 -10.48 3.56
C GLY A 263 -0.18 -11.86 3.01
N TRP A 264 -0.27 -11.97 1.71
CA TRP A 264 -0.54 -13.25 1.04
C TRP A 264 0.70 -14.15 1.17
N VAL A 265 0.46 -15.43 1.46
CA VAL A 265 1.54 -16.40 1.57
C VAL A 265 1.08 -17.70 0.97
N LEU A 266 1.96 -18.34 0.22
CA LEU A 266 1.65 -19.62 -0.40
C LEU A 266 2.07 -20.73 0.57
N VAL A 267 1.14 -21.61 0.92
CA VAL A 267 1.37 -22.72 1.85
C VAL A 267 1.07 -23.97 1.07
N GLY A 268 2.13 -24.60 0.55
CA GLY A 268 1.97 -25.75 -0.30
C GLY A 268 1.49 -25.21 -1.64
N SER A 269 0.25 -25.54 -2.00
CA SER A 269 -0.39 -25.01 -3.19
C SER A 269 -1.56 -24.06 -2.87
N GLU A 270 -1.76 -23.68 -1.62
CA GLU A 270 -2.93 -22.89 -1.21
C GLU A 270 -2.49 -21.50 -0.75
N TRP A 271 -3.37 -20.53 -0.95
CA TRP A 271 -3.07 -19.16 -0.56
C TRP A 271 -3.83 -18.81 0.72
N TYR A 272 -3.09 -18.22 1.68
CA TYR A 272 -3.66 -17.67 2.89
C TYR A 272 -3.25 -16.21 2.98
N TYR A 273 -4.03 -15.44 3.73
CA TYR A 273 -3.76 -14.01 3.92
C TYR A 273 -3.57 -13.69 5.37
N MET A 274 -2.42 -13.08 5.72
CA MET A 274 -2.10 -12.72 7.07
C MET A 274 -2.13 -11.18 7.16
N ASP A 275 -2.63 -10.64 8.25
CA ASP A 275 -2.58 -9.18 8.42
C ASP A 275 -1.16 -8.70 8.70
N ASP A 276 -0.98 -7.41 8.92
CA ASP A 276 0.39 -6.89 9.06
C ASP A 276 1.05 -7.21 10.38
N SER A 277 0.29 -7.79 11.27
CA SER A 277 0.77 -8.29 12.53
C SER A 277 1.04 -9.81 12.47
N GLY A 278 0.87 -10.39 11.28
CA GLY A 278 1.10 -11.81 11.05
C GLY A 278 -0.10 -12.73 11.26
N ALA A 279 -1.19 -12.19 11.80
CA ALA A 279 -2.37 -13.00 12.19
C ALA A 279 -3.24 -13.32 10.97
N MET A 280 -3.57 -14.59 10.82
CA MET A 280 -4.36 -15.01 9.65
C MET A 280 -5.72 -14.28 9.65
N VAL A 281 -6.15 -13.88 8.46
CA VAL A 281 -7.47 -13.31 8.21
C VAL A 281 -8.39 -14.38 7.65
N THR A 282 -9.53 -14.52 8.29
CA THR A 282 -10.60 -15.44 7.87
C THR A 282 -11.73 -14.75 7.08
N GLY A 283 -12.56 -15.58 6.47
CA GLY A 283 -13.65 -15.13 5.61
C GLY A 283 -13.20 -14.83 4.20
N TRP A 284 -13.92 -13.89 3.57
CA TRP A 284 -13.72 -13.58 2.18
C TRP A 284 -12.64 -12.53 2.03
N VAL A 285 -11.62 -12.83 1.22
CA VAL A 285 -10.58 -11.90 0.84
C VAL A 285 -10.33 -12.01 -0.68
N LYS A 286 -10.32 -10.89 -1.37
CA LYS A 286 -10.04 -10.88 -2.80
C LYS A 286 -8.57 -10.55 -3.07
N TYR A 287 -7.97 -11.26 -4.04
CA TYR A 287 -6.66 -10.94 -4.55
C TYR A 287 -6.78 -10.63 -6.02
N LYS A 288 -6.57 -9.36 -6.38
CA LYS A 288 -6.69 -8.92 -7.77
C LYS A 288 -8.08 -9.32 -8.26
N ASN A 289 -8.19 -10.25 -9.22
CA ASN A 289 -9.52 -10.63 -9.68
C ASN A 289 -10.17 -11.86 -9.00
N ASN A 290 -9.41 -12.61 -8.20
CA ASN A 290 -9.87 -13.87 -7.57
C ASN A 290 -10.27 -13.73 -6.12
N TRP A 291 -11.30 -14.50 -5.70
CA TRP A 291 -11.85 -14.51 -4.39
C TRP A 291 -11.48 -15.79 -3.64
N TYR A 292 -11.17 -15.64 -2.35
CA TYR A 292 -10.83 -16.74 -1.44
C TYR A 292 -11.69 -16.65 -0.21
N TYR A 293 -12.25 -17.79 0.21
CA TYR A 293 -12.95 -17.87 1.49
C TYR A 293 -12.12 -18.80 2.36
N MET A 294 -11.47 -18.21 3.37
CA MET A 294 -10.53 -18.98 4.19
C MET A 294 -10.99 -19.15 5.64
N THR A 295 -10.78 -20.34 6.20
CA THR A 295 -11.19 -20.65 7.58
C THR A 295 -10.09 -21.42 8.29
N ASN A 296 -10.16 -21.44 9.62
CA ASN A 296 -9.19 -22.12 10.45
C ASN A 296 -9.79 -22.76 11.68
N GLU A 297 -11.09 -23.09 11.57
CA GLU A 297 -11.85 -23.74 12.63
C GLU A 297 -11.10 -24.99 13.13
N ARG A 298 -10.76 -25.00 14.42
CA ARG A 298 -10.07 -26.12 15.11
C ARG A 298 -8.73 -26.46 14.44
N GLY A 299 -8.08 -25.47 13.86
CA GLY A 299 -6.83 -25.68 13.16
C GLY A 299 -6.95 -26.45 11.87
N ASN A 300 -8.18 -26.59 11.36
CA ASN A 300 -8.42 -27.15 10.04
C ASN A 300 -8.29 -25.98 9.03
N MET A 301 -7.12 -25.86 8.42
CA MET A 301 -6.83 -24.73 7.55
C MET A 301 -7.41 -25.02 6.18
N VAL A 302 -8.28 -24.13 5.70
CA VAL A 302 -8.96 -24.28 4.41
C VAL A 302 -8.88 -22.98 3.66
N SER A 303 -8.53 -23.06 2.38
CA SER A 303 -8.56 -21.91 1.49
C SER A 303 -9.38 -22.23 0.27
N ASN A 304 -10.62 -21.75 0.24
CA ASN A 304 -11.51 -21.96 -0.89
C ASN A 304 -11.34 -20.92 -1.99
N GLU A 305 -10.85 -21.34 -3.13
CA GLU A 305 -10.51 -20.50 -4.23
C GLU A 305 -11.61 -20.44 -5.27
N PHE A 306 -11.95 -19.22 -5.70
CA PHE A 306 -12.93 -18.93 -6.74
C PHE A 306 -12.26 -18.11 -7.82
N ILE A 307 -11.99 -18.72 -8.97
CA ILE A 307 -11.29 -18.06 -10.08
C ILE A 307 -12.23 -17.31 -10.98
N LYS A 308 -11.91 -16.04 -11.28
CA LYS A 308 -12.72 -15.25 -12.13
C LYS A 308 -12.54 -15.66 -13.59
N SER A 309 -13.64 -15.78 -14.30
CA SER A 309 -13.61 -16.03 -15.73
C SER A 309 -14.86 -15.43 -16.33
N GLY A 310 -14.72 -14.34 -17.07
CA GLY A 310 -15.87 -13.65 -17.63
C GLY A 310 -16.47 -12.83 -16.51
N LYS A 311 -17.78 -12.85 -16.41
CA LYS A 311 -18.49 -12.16 -15.33
C LYS A 311 -18.83 -13.12 -14.17
N GLY A 312 -18.19 -14.29 -14.13
CA GLY A 312 -18.41 -15.20 -13.02
C GLY A 312 -17.15 -15.67 -12.33
N TRP A 313 -17.34 -16.21 -11.14
CA TRP A 313 -16.30 -16.76 -10.31
C TRP A 313 -16.61 -18.23 -10.13
N TYR A 314 -15.61 -19.08 -10.36
CA TYR A 314 -15.74 -20.51 -10.33
C TYR A 314 -14.94 -21.15 -9.21
N PHE A 315 -15.59 -22.01 -8.43
CA PHE A 315 -14.90 -22.72 -7.35
C PHE A 315 -13.90 -23.70 -7.94
N MET A 316 -12.67 -23.72 -7.42
CA MET A 316 -11.66 -24.71 -7.82
C MET A 316 -11.64 -25.87 -6.84
N ASN A 317 -12.01 -27.05 -7.33
CA ASN A 317 -12.07 -28.27 -6.52
C ASN A 317 -10.68 -28.76 -6.14
N THR A 318 -10.63 -29.86 -5.41
CA THR A 318 -9.36 -30.36 -4.89
C THR A 318 -8.41 -30.78 -6.02
N ASN A 319 -8.97 -31.37 -7.08
CA ASN A 319 -8.17 -31.81 -8.23
C ASN A 319 -7.71 -30.66 -9.13
N GLY A 320 -7.96 -29.42 -8.73
CA GLY A 320 -7.72 -28.27 -9.58
C GLY A 320 -8.74 -28.06 -10.68
N GLU A 321 -9.89 -28.73 -10.59
CA GLU A 321 -10.89 -28.61 -11.63
C GLU A 321 -11.94 -27.56 -11.29
N LEU A 322 -12.29 -26.78 -12.32
CA LEU A 322 -13.27 -25.74 -12.21
C LEU A 322 -14.65 -26.28 -12.46
N ALA A 323 -15.58 -25.78 -11.65
CA ALA A 323 -16.97 -25.97 -11.94
C ALA A 323 -17.26 -25.65 -13.40
N ASP A 324 -18.24 -26.34 -13.99
CA ASP A 324 -18.68 -26.09 -15.35
C ASP A 324 -19.37 -24.70 -15.51
N ASN A 325 -20.07 -24.28 -14.47
CA ASN A 325 -20.76 -23.01 -14.49
C ASN A 325 -20.35 -22.21 -13.27
N PRO A 326 -20.46 -20.88 -13.32
CA PRO A 326 -20.02 -20.05 -12.21
C PRO A 326 -20.73 -20.36 -10.90
N SER A 327 -19.98 -20.27 -9.82
CA SER A 327 -20.46 -20.44 -8.48
C SER A 327 -21.21 -19.19 -8.07
N PHE A 328 -20.66 -18.03 -8.42
CA PHE A 328 -21.32 -16.77 -8.18
C PHE A 328 -20.99 -15.72 -9.26
N THR A 329 -21.89 -14.74 -9.37
CA THR A 329 -21.69 -13.59 -10.23
C THR A 329 -21.85 -12.30 -9.48
N LYS A 330 -22.42 -12.34 -8.29
CA LYS A 330 -22.48 -11.18 -7.42
C LYS A 330 -21.39 -11.38 -6.38
N GLU A 331 -20.43 -10.45 -6.34
CA GLU A 331 -19.29 -10.61 -5.44
C GLU A 331 -19.65 -10.48 -3.97
N PRO A 332 -18.98 -11.25 -3.10
CA PRO A 332 -19.17 -11.09 -1.67
C PRO A 332 -18.58 -9.73 -1.22
N ASP A 333 -19.05 -9.19 -0.09
CA ASP A 333 -18.56 -7.93 0.42
C ASP A 333 -17.44 -8.17 1.42
N GLY A 334 -16.30 -8.67 0.93
CA GLY A 334 -15.20 -9.01 1.81
C GLY A 334 -14.05 -8.05 1.66
N LEU A 335 -12.88 -8.49 2.11
CA LEU A 335 -11.71 -7.65 2.11
C LEU A 335 -11.05 -7.62 0.75
N ILE A 336 -10.84 -6.45 0.18
CA ILE A 336 -10.25 -6.34 -1.15
C ILE A 336 -8.74 -6.08 -1.03
N THR A 337 -7.93 -6.91 -1.67
CA THR A 337 -6.50 -6.68 -1.81
C THR A 337 -6.05 -6.67 -3.29
N VAL A 338 -4.90 -6.06 -3.54
CA VAL A 338 -4.36 -5.83 -4.87
C VAL A 338 -2.88 -6.15 -5.00
N ALA A 339 -2.30 -6.65 -3.93
CA ALA A 339 -0.87 -6.92 -3.89
C ALA A 339 -0.55 -7.95 -2.80
#